data_8JJ8
#
_entry.id   8JJ8
#
_cell.length_a   1.00
_cell.length_b   1.00
_cell.length_c   1.00
_cell.angle_alpha   90.00
_cell.angle_beta   90.00
_cell.angle_gamma   90.00
#
_symmetry.space_group_name_H-M   'P 1'
#
loop_
_entity.id
_entity.type
_entity.pdbx_description
1 polymer 'Beta-2 adrenergic receptor,Soluble cytochrome b562'
2 non-polymer ~{N}-[5-[(1~{R})-2-[[(2~{R})-1-(4-methoxyphenyl)propan-2-yl]amino]-1-oxidanyl-ethyl]-2-oxidanyl-phenyl]methanamide
#
_entity_poly.entity_id   1
_entity_poly.type   'polypeptide(L)'
_entity_poly.pdbx_seq_one_letter_code
;MKTIIALSYIFCLVFADYKDDDDKDEVWVVGMGIVMSLIVLAIVFGNVLVITAIAKFERLQTVTNYFITSLACADLVMGL
AVVPFGAAHILMKMWTFGNFWCEFWTSIDVLCVTASIETLCVIAVDRYFAITSPFKYQSLLTKNKARVIILMVWIVSGLT
SFLPIQMHWYRATHQEAINCYAEETCCDFFTNQAYAIASSIVSFYVPLVIMVFVYSRVFQEAKRQLADLEDNWETLNDNL
KVIEKADNAAQVKDALTKMRAAALDAQKASGSGSPEMKDFRHGFDILVGQIDDALKLANEGKVKEAQAAAEQLKTTRNAY
IQKYLKFCLKEHKALKTLGIIMGTFTLCWLPFFIVNIVHVIQDNLIRKEVYILLNWIGYVNSGFNPLIYSRSPDFRIAFQ
ELLKIAALKEKIAALKEKIAALKEAEEKRASRLEEELRRRLTEGSHHHHHHHH
;
_entity_poly.pdbx_strand_id   F
#
# COMPACT_ATOMS: atom_id res chain seq x y z
N ASP A 25 -24.85 1.67 34.90
CA ASP A 25 -25.84 2.10 33.92
C ASP A 25 -25.73 1.29 32.64
N GLU A 26 -26.69 1.50 31.74
CA GLU A 26 -26.72 0.80 30.46
C GLU A 26 -25.99 1.55 29.36
N VAL A 27 -25.40 2.71 29.66
CA VAL A 27 -24.71 3.48 28.64
C VAL A 27 -23.53 2.70 28.07
N TRP A 28 -22.75 2.05 28.94
CA TRP A 28 -21.59 1.32 28.49
C TRP A 28 -21.95 0.22 27.50
N VAL A 29 -23.15 -0.34 27.62
CA VAL A 29 -23.55 -1.44 26.75
C VAL A 29 -24.03 -0.92 25.40
N VAL A 30 -25.11 -0.14 25.40
CA VAL A 30 -25.74 0.24 24.14
C VAL A 30 -24.94 1.30 23.40
N GLY A 31 -24.22 2.16 24.12
CA GLY A 31 -23.46 3.21 23.45
C GLY A 31 -22.35 2.66 22.58
N MET A 32 -21.74 1.55 23.01
CA MET A 32 -20.60 0.98 22.31
C MET A 32 -20.90 -0.33 21.62
N GLY A 33 -22.10 -0.90 21.78
CA GLY A 33 -22.48 -2.03 20.95
C GLY A 33 -22.71 -1.65 19.51
N ILE A 34 -23.34 -0.50 19.26
CA ILE A 34 -23.68 -0.11 17.90
C ILE A 34 -22.43 0.18 17.08
N VAL A 35 -21.44 0.84 17.69
CA VAL A 35 -20.21 1.15 16.97
C VAL A 35 -19.46 -0.14 16.63
N MET A 36 -19.45 -1.11 17.54
CA MET A 36 -18.81 -2.38 17.25
C MET A 36 -19.53 -3.12 16.12
N SER A 37 -20.86 -3.11 16.14
CA SER A 37 -21.62 -3.77 15.07
C SER A 37 -21.35 -3.09 13.73
N LEU A 38 -21.32 -1.77 13.70
CA LEU A 38 -21.02 -1.04 12.48
C LEU A 38 -19.60 -1.31 12.00
N ILE A 39 -18.65 -1.43 12.94
CA ILE A 39 -17.28 -1.74 12.57
C ILE A 39 -17.21 -3.11 11.90
N VAL A 40 -17.88 -4.10 12.50
CA VAL A 40 -17.88 -5.44 11.93
C VAL A 40 -18.51 -5.42 10.54
N LEU A 41 -19.64 -4.73 10.39
CA LEU A 41 -20.32 -4.68 9.10
C LEU A 41 -19.45 -4.01 8.04
N ALA A 42 -18.81 -2.89 8.39
CA ALA A 42 -17.96 -2.19 7.43
C ALA A 42 -16.77 -3.06 7.04
N ILE A 43 -16.14 -3.71 8.01
CA ILE A 43 -14.99 -4.56 7.73
C ILE A 43 -15.39 -5.68 6.78
N VAL A 44 -16.47 -6.39 7.08
CA VAL A 44 -16.85 -7.53 6.26
C VAL A 44 -17.26 -7.08 4.87
N PHE A 45 -18.01 -5.98 4.78
CA PHE A 45 -18.45 -5.49 3.48
C PHE A 45 -17.28 -5.06 2.61
N GLY A 46 -16.34 -4.30 3.19
CA GLY A 46 -15.18 -3.88 2.43
C GLY A 46 -14.34 -5.06 1.98
N ASN A 47 -14.16 -6.05 2.85
CA ASN A 47 -13.31 -7.19 2.49
C ASN A 47 -13.96 -8.04 1.41
N VAL A 48 -15.27 -8.30 1.51
CA VAL A 48 -15.92 -9.08 0.46
C VAL A 48 -15.99 -8.30 -0.84
N LEU A 49 -16.05 -6.97 -0.76
CA LEU A 49 -16.02 -6.17 -1.97
C LEU A 49 -14.65 -6.23 -2.65
N VAL A 50 -13.58 -6.15 -1.87
CA VAL A 50 -12.24 -6.19 -2.45
C VAL A 50 -11.92 -7.58 -3.00
N ILE A 51 -12.24 -8.63 -2.24
CA ILE A 51 -11.93 -9.98 -2.68
C ILE A 51 -12.64 -10.29 -3.99
N THR A 52 -13.92 -9.95 -4.07
CA THR A 52 -14.63 -10.05 -5.33
C THR A 52 -14.07 -9.03 -6.33
N ALA A 53 -14.13 -9.38 -7.61
CA ALA A 53 -13.65 -8.64 -8.77
C ALA A 53 -12.13 -8.72 -8.92
N ILE A 54 -11.42 -9.33 -7.99
CA ILE A 54 -10.00 -9.62 -8.20
C ILE A 54 -9.81 -10.95 -8.91
N ALA A 55 -10.51 -11.99 -8.46
CA ALA A 55 -10.45 -13.29 -9.11
C ALA A 55 -11.47 -13.44 -10.23
N LYS A 56 -12.55 -12.66 -10.20
CA LYS A 56 -13.59 -12.79 -11.20
C LYS A 56 -13.23 -12.05 -12.49
N PHE A 57 -13.06 -10.73 -12.40
CA PHE A 57 -12.81 -9.91 -13.57
C PHE A 57 -11.37 -10.00 -14.04
N GLU A 58 -11.20 -9.88 -15.36
CA GLU A 58 -9.89 -9.70 -15.96
C GLU A 58 -9.37 -8.29 -15.71
N ARG A 59 -8.11 -8.07 -16.08
CA ARG A 59 -7.43 -6.78 -15.98
C ARG A 59 -7.18 -6.43 -14.51
N LEU A 60 -7.70 -7.26 -13.60
CA LEU A 60 -7.49 -7.08 -12.16
C LEU A 60 -6.82 -8.30 -11.54
N GLN A 61 -6.15 -9.12 -12.35
CA GLN A 61 -5.40 -10.29 -11.88
C GLN A 61 -3.92 -9.99 -12.13
N THR A 62 -3.28 -9.36 -11.16
CA THR A 62 -1.86 -9.02 -11.24
C THR A 62 -1.14 -9.58 -10.02
N VAL A 63 0.19 -9.47 -10.04
CA VAL A 63 0.98 -9.97 -8.92
C VAL A 63 0.74 -9.13 -7.67
N THR A 64 0.57 -7.81 -7.82
CA THR A 64 0.23 -6.99 -6.67
C THR A 64 -1.13 -7.33 -6.11
N ASN A 65 -2.08 -7.66 -6.99
CA ASN A 65 -3.40 -8.06 -6.53
C ASN A 65 -3.37 -9.38 -5.77
N TYR A 66 -2.37 -10.23 -6.02
CA TYR A 66 -2.23 -11.45 -5.22
C TYR A 66 -1.88 -11.12 -3.77
N PHE A 67 -1.09 -10.08 -3.53
CA PHE A 67 -0.85 -9.63 -2.17
C PHE A 67 -2.07 -8.91 -1.61
N ILE A 68 -2.75 -8.12 -2.45
CA ILE A 68 -3.92 -7.37 -1.99
C ILE A 68 -5.02 -8.31 -1.53
N THR A 69 -5.26 -9.39 -2.28
CA THR A 69 -6.29 -10.33 -1.89
C THR A 69 -5.93 -11.11 -0.63
N SER A 70 -4.63 -11.35 -0.40
CA SER A 70 -4.23 -11.96 0.86
C SER A 70 -4.47 -11.02 2.03
N LEU A 71 -4.16 -9.73 1.84
CA LEU A 71 -4.47 -8.74 2.87
C LEU A 71 -5.97 -8.69 3.14
N ALA A 72 -6.78 -8.70 2.09
CA ALA A 72 -8.23 -8.69 2.24
C ALA A 72 -8.72 -9.93 2.96
N CYS A 73 -8.15 -11.10 2.64
CA CYS A 73 -8.53 -12.32 3.32
C CYS A 73 -8.19 -12.28 4.80
N ALA A 74 -7.01 -11.77 5.14
CA ALA A 74 -6.64 -11.62 6.55
C ALA A 74 -7.58 -10.67 7.27
N ASP A 75 -7.90 -9.54 6.63
CA ASP A 75 -8.83 -8.59 7.24
C ASP A 75 -10.21 -9.20 7.41
N LEU A 76 -10.66 -10.00 6.43
CA LEU A 76 -11.97 -10.62 6.50
C LEU A 76 -12.04 -11.64 7.63
N VAL A 77 -11.05 -12.53 7.72
CA VAL A 77 -11.09 -13.51 8.78
C VAL A 77 -10.96 -12.84 10.14
N MET A 78 -10.18 -11.77 10.24
CA MET A 78 -10.08 -11.06 11.51
C MET A 78 -11.39 -10.37 11.87
N GLY A 79 -12.08 -9.79 10.88
CA GLY A 79 -13.37 -9.17 11.13
C GLY A 79 -14.48 -10.13 11.52
N LEU A 80 -14.45 -11.35 10.99
CA LEU A 80 -15.42 -12.37 11.41
C LEU A 80 -15.05 -13.06 12.71
N ALA A 81 -13.77 -13.21 13.03
CA ALA A 81 -13.38 -14.06 14.15
C ALA A 81 -13.24 -13.29 15.46
N VAL A 82 -12.33 -12.33 15.50
CA VAL A 82 -11.88 -11.75 16.76
C VAL A 82 -12.63 -10.48 17.11
N VAL A 83 -13.28 -9.85 16.14
CA VAL A 83 -14.02 -8.63 16.45
C VAL A 83 -15.35 -8.98 17.11
N PRO A 84 -16.18 -9.90 16.55
CA PRO A 84 -17.42 -10.26 17.24
C PRO A 84 -17.17 -11.03 18.53
N PHE A 85 -16.35 -12.07 18.46
CA PHE A 85 -16.06 -12.86 19.65
C PHE A 85 -15.27 -12.06 20.68
N GLY A 86 -14.38 -11.18 20.23
CA GLY A 86 -13.69 -10.30 21.16
C GLY A 86 -14.62 -9.29 21.81
N ALA A 87 -15.56 -8.74 21.04
CA ALA A 87 -16.56 -7.85 21.62
C ALA A 87 -17.48 -8.59 22.59
N ALA A 88 -17.67 -9.90 22.37
CA ALA A 88 -18.41 -10.70 23.34
C ALA A 88 -17.71 -10.72 24.69
N HIS A 89 -16.37 -10.77 24.69
CA HIS A 89 -15.61 -10.63 25.92
C HIS A 89 -15.77 -9.24 26.53
N ILE A 90 -16.28 -8.28 25.77
CA ILE A 90 -16.50 -6.93 26.23
C ILE A 90 -17.99 -6.79 26.45
N LEU A 91 -18.41 -5.66 27.04
CA LEU A 91 -19.80 -5.36 27.38
C LEU A 91 -20.24 -6.23 28.55
N MET A 92 -20.44 -7.52 28.30
CA MET A 92 -20.83 -8.45 29.35
C MET A 92 -19.58 -8.86 30.15
N LYS A 93 -19.71 -9.87 31.00
CA LYS A 93 -18.75 -10.07 32.08
C LYS A 93 -17.54 -10.93 31.67
N MET A 94 -17.76 -12.18 31.29
CA MET A 94 -16.67 -13.14 31.20
C MET A 94 -16.83 -13.97 29.93
N TRP A 95 -16.03 -15.02 29.82
CA TRP A 95 -16.03 -15.92 28.66
C TRP A 95 -16.94 -17.10 28.93
N THR A 96 -17.84 -17.39 27.99
CA THR A 96 -18.77 -18.50 28.08
C THR A 96 -18.71 -19.34 26.82
N PHE A 97 -17.51 -19.57 26.29
CA PHE A 97 -17.33 -20.35 25.08
C PHE A 97 -16.42 -21.56 25.26
N GLY A 98 -15.42 -21.48 26.13
CA GLY A 98 -14.53 -22.60 26.36
C GLY A 98 -13.07 -22.19 26.36
N ASN A 99 -12.27 -22.88 27.19
CA ASN A 99 -10.85 -22.60 27.26
C ASN A 99 -10.15 -22.87 25.93
N PHE A 100 -10.51 -23.98 25.26
CA PHE A 100 -9.96 -24.26 23.94
C PHE A 100 -10.35 -23.16 22.95
N TRP A 101 -11.60 -22.71 23.02
CA TRP A 101 -12.01 -21.59 22.17
C TRP A 101 -11.33 -20.29 22.56
N CYS A 102 -11.00 -20.09 23.83
CA CYS A 102 -10.20 -18.93 24.21
C CYS A 102 -8.82 -18.97 23.56
N GLU A 103 -8.16 -20.13 23.64
CA GLU A 103 -6.86 -20.27 22.98
C GLU A 103 -6.96 -20.08 21.48
N PHE A 104 -8.01 -20.64 20.87
CA PHE A 104 -8.20 -20.49 19.43
C PHE A 104 -8.44 -19.04 19.04
N TRP A 105 -9.25 -18.30 19.81
CA TRP A 105 -9.48 -16.90 19.52
C TRP A 105 -8.22 -16.07 19.65
N THR A 106 -7.44 -16.30 20.71
CA THR A 106 -6.18 -15.58 20.87
C THR A 106 -5.23 -15.89 19.71
N SER A 107 -5.12 -17.17 19.34
CA SER A 107 -4.22 -17.57 18.27
C SER A 107 -4.64 -16.96 16.94
N ILE A 108 -5.94 -16.98 16.63
CA ILE A 108 -6.40 -16.41 15.36
C ILE A 108 -6.26 -14.90 15.36
N ASP A 109 -6.41 -14.24 16.51
CA ASP A 109 -6.15 -12.80 16.58
C ASP A 109 -4.70 -12.50 16.23
N VAL A 110 -3.77 -13.18 16.88
CA VAL A 110 -2.36 -12.93 16.59
C VAL A 110 -2.05 -13.26 15.14
N LEU A 111 -2.60 -14.36 14.62
CA LEU A 111 -2.37 -14.73 13.22
C LEU A 111 -2.85 -13.65 12.27
N CYS A 112 -4.06 -13.15 12.48
CA CYS A 112 -4.62 -12.16 11.58
C CYS A 112 -3.82 -10.85 11.62
N VAL A 113 -3.46 -10.40 12.82
CA VAL A 113 -2.68 -9.17 12.93
C VAL A 113 -1.34 -9.32 12.25
N THR A 114 -0.62 -10.41 12.54
CA THR A 114 0.68 -10.62 11.94
C THR A 114 0.58 -10.75 10.43
N ALA A 115 -0.41 -11.50 9.94
CA ALA A 115 -0.57 -11.67 8.50
C ALA A 115 -0.87 -10.34 7.82
N SER A 116 -1.72 -9.52 8.41
CA SER A 116 -2.02 -8.22 7.83
C SER A 116 -0.77 -7.34 7.73
N ILE A 117 0.03 -7.29 8.81
CA ILE A 117 1.20 -6.40 8.76
C ILE A 117 2.27 -6.95 7.80
N GLU A 118 2.48 -8.26 7.79
CA GLU A 118 3.41 -8.83 6.83
C GLU A 118 2.94 -8.61 5.39
N THR A 119 1.64 -8.70 5.15
CA THR A 119 1.14 -8.43 3.81
C THR A 119 1.34 -6.97 3.43
N LEU A 120 1.18 -6.06 4.40
CA LEU A 120 1.46 -4.65 4.12
C LEU A 120 2.92 -4.45 3.72
N CYS A 121 3.85 -5.05 4.46
CA CYS A 121 5.25 -4.87 4.11
C CYS A 121 5.60 -5.57 2.81
N VAL A 122 4.93 -6.68 2.49
CA VAL A 122 5.15 -7.34 1.20
C VAL A 122 4.66 -6.46 0.06
N ILE A 123 3.52 -5.79 0.24
CA ILE A 123 3.04 -4.86 -0.79
C ILE A 123 4.02 -3.70 -0.94
N ALA A 124 4.59 -3.24 0.18
CA ALA A 124 5.61 -2.19 0.13
C ALA A 124 6.80 -2.65 -0.70
N VAL A 125 7.31 -3.85 -0.43
CA VAL A 125 8.45 -4.37 -1.17
C VAL A 125 8.11 -4.56 -2.64
N ASP A 126 6.87 -4.97 -2.94
CA ASP A 126 6.44 -5.10 -4.33
C ASP A 126 6.49 -3.75 -5.04
N ARG A 127 5.99 -2.69 -4.39
CA ARG A 127 6.06 -1.37 -5.00
C ARG A 127 7.49 -0.92 -5.17
N TYR A 128 8.36 -1.21 -4.19
CA TYR A 128 9.77 -0.86 -4.30
C TYR A 128 10.43 -1.53 -5.49
N PHE A 129 10.16 -2.83 -5.67
CA PHE A 129 10.73 -3.55 -6.81
C PHE A 129 10.13 -3.09 -8.12
N ALA A 130 8.88 -2.62 -8.12
CA ALA A 130 8.29 -2.06 -9.33
C ALA A 130 8.97 -0.75 -9.72
N ILE A 131 9.18 0.14 -8.75
CA ILE A 131 9.79 1.43 -9.05
C ILE A 131 11.29 1.27 -9.32
N THR A 132 11.99 0.55 -8.45
CA THR A 132 13.43 0.38 -8.57
C THR A 132 13.73 -0.82 -9.47
N SER A 133 14.53 -0.58 -10.50
CA SER A 133 14.83 -1.59 -11.52
C SER A 133 13.54 -2.15 -12.14
N PRO A 134 12.75 -1.32 -12.81
CA PRO A 134 11.50 -1.83 -13.39
C PRO A 134 11.71 -2.88 -14.47
N PHE A 135 12.82 -2.81 -15.21
CA PHE A 135 13.06 -3.77 -16.28
C PHE A 135 13.22 -5.19 -15.73
N LYS A 136 13.97 -5.34 -14.63
CA LYS A 136 14.08 -6.64 -13.99
C LYS A 136 12.74 -7.11 -13.44
N TYR A 137 11.99 -6.19 -12.82
CA TYR A 137 10.68 -6.51 -12.27
C TYR A 137 9.65 -6.85 -13.34
N GLN A 138 9.90 -6.48 -14.60
CA GLN A 138 8.92 -6.74 -15.66
C GLN A 138 8.63 -8.23 -15.77
N SER A 139 9.67 -9.06 -15.74
CA SER A 139 9.48 -10.51 -15.67
C SER A 139 10.63 -11.10 -14.84
N LEU A 140 10.41 -11.19 -13.54
CA LEU A 140 11.31 -11.91 -12.65
C LEU A 140 10.50 -12.84 -11.75
N LEU A 141 9.27 -12.44 -11.46
CA LEU A 141 8.36 -13.21 -10.64
C LEU A 141 7.04 -13.39 -11.38
N THR A 142 6.36 -14.49 -11.09
CA THR A 142 5.11 -14.83 -11.75
C THR A 142 4.10 -15.18 -10.65
N LYS A 143 2.93 -15.69 -11.05
CA LYS A 143 1.93 -16.10 -10.08
C LYS A 143 2.47 -17.14 -9.11
N ASN A 144 3.36 -18.03 -9.58
CA ASN A 144 3.95 -19.03 -8.71
C ASN A 144 4.77 -18.38 -7.60
N LYS A 145 5.62 -17.41 -7.96
CA LYS A 145 6.45 -16.75 -6.97
C LYS A 145 5.62 -15.93 -5.99
N ALA A 146 4.61 -15.22 -6.49
CA ALA A 146 3.73 -14.46 -5.60
C ALA A 146 3.00 -15.37 -4.64
N ARG A 147 2.49 -16.50 -5.14
CA ARG A 147 1.82 -17.46 -4.27
C ARG A 147 2.78 -18.03 -3.23
N VAL A 148 4.03 -18.33 -3.63
CA VAL A 148 5.01 -18.83 -2.69
C VAL A 148 5.26 -17.80 -1.59
N ILE A 149 5.38 -16.53 -1.97
CA ILE A 149 5.57 -15.47 -0.97
C ILE A 149 4.37 -15.40 -0.03
N ILE A 150 3.16 -15.53 -0.58
CA ILE A 150 1.95 -15.44 0.25
C ILE A 150 1.93 -16.59 1.26
N LEU A 151 2.22 -17.80 0.81
CA LEU A 151 2.23 -18.93 1.73
C LEU A 151 3.34 -18.80 2.77
N MET A 152 4.51 -18.28 2.37
CA MET A 152 5.57 -18.06 3.34
C MET A 152 5.15 -17.07 4.41
N VAL A 153 4.52 -15.96 3.99
CA VAL A 153 4.03 -14.97 4.94
C VAL A 153 3.02 -15.59 5.89
N TRP A 154 2.06 -16.34 5.35
CA TRP A 154 0.98 -16.87 6.17
C TRP A 154 1.50 -17.94 7.13
N ILE A 155 2.44 -18.78 6.68
CA ILE A 155 2.99 -19.79 7.56
C ILE A 155 3.89 -19.17 8.62
N VAL A 156 4.60 -18.08 8.29
CA VAL A 156 5.37 -17.39 9.32
C VAL A 156 4.45 -16.81 10.38
N SER A 157 3.35 -16.19 9.96
CA SER A 157 2.39 -15.66 10.93
C SER A 157 1.77 -16.78 11.76
N GLY A 158 1.46 -17.92 11.14
CA GLY A 158 0.91 -19.03 11.89
C GLY A 158 1.89 -19.61 12.89
N LEU A 159 3.16 -19.73 12.50
CA LEU A 159 4.18 -20.19 13.44
C LEU A 159 4.34 -19.23 14.60
N THR A 160 4.28 -17.92 14.32
CA THR A 160 4.34 -16.92 15.38
C THR A 160 3.14 -17.00 16.32
N SER A 161 1.94 -17.27 15.77
CA SER A 161 0.70 -17.18 16.53
C SER A 161 0.25 -18.51 17.11
N PHE A 162 -0.08 -19.49 16.26
CA PHE A 162 -0.68 -20.73 16.75
C PHE A 162 0.28 -21.53 17.61
N LEU A 163 1.54 -21.64 17.19
CA LEU A 163 2.47 -22.54 17.87
C LEU A 163 2.71 -22.15 19.32
N PRO A 164 3.05 -20.90 19.67
CA PRO A 164 3.35 -20.61 21.07
C PRO A 164 2.15 -20.43 21.97
N ILE A 165 0.93 -20.70 21.51
CA ILE A 165 -0.28 -20.45 22.29
C ILE A 165 -1.01 -21.73 22.64
N GLN A 166 -1.38 -22.53 21.64
CA GLN A 166 -2.26 -23.67 21.90
C GLN A 166 -1.60 -24.76 22.74
N MET A 167 -0.28 -24.73 22.88
CA MET A 167 0.42 -25.59 23.84
C MET A 167 1.11 -24.76 24.93
N HIS A 168 0.65 -23.52 25.11
CA HIS A 168 0.99 -22.69 26.28
C HIS A 168 2.50 -22.47 26.38
N TRP A 169 3.04 -21.82 25.36
CA TRP A 169 4.44 -21.42 25.35
C TRP A 169 4.66 -19.98 25.78
N TYR A 170 3.59 -19.21 26.01
CA TYR A 170 3.78 -17.84 26.47
C TYR A 170 3.76 -17.75 27.99
N ARG A 171 2.78 -18.39 28.63
CA ARG A 171 2.69 -18.48 30.08
C ARG A 171 2.72 -17.11 30.74
N ALA A 172 3.04 -17.07 32.04
CA ALA A 172 3.15 -15.84 32.80
C ALA A 172 3.80 -16.19 34.14
N THR A 173 4.04 -15.15 34.94
CA THR A 173 4.59 -15.29 36.29
C THR A 173 3.81 -14.41 37.26
N HIS A 174 2.49 -14.42 37.13
CA HIS A 174 1.61 -13.56 37.91
C HIS A 174 0.55 -14.41 38.61
N GLN A 175 0.17 -13.97 39.80
CA GLN A 175 -0.85 -14.67 40.57
C GLN A 175 -2.27 -14.40 40.09
N GLU A 176 -2.51 -13.29 39.39
CA GLU A 176 -3.83 -13.04 38.82
C GLU A 176 -3.93 -13.53 37.38
N ALA A 177 -2.91 -14.20 36.87
CA ALA A 177 -2.96 -14.90 35.59
C ALA A 177 -3.10 -16.39 35.74
N ILE A 178 -2.57 -16.96 36.84
CA ILE A 178 -2.79 -18.37 37.13
C ILE A 178 -4.26 -18.63 37.41
N ASN A 179 -4.93 -17.68 38.08
CA ASN A 179 -6.37 -17.78 38.32
C ASN A 179 -7.18 -17.55 37.05
N CYS A 180 -6.53 -17.40 35.91
CA CYS A 180 -7.21 -17.33 34.62
C CYS A 180 -6.82 -18.45 33.67
N TYR A 181 -5.58 -18.94 33.74
CA TYR A 181 -5.17 -20.04 32.87
C TYR A 181 -5.87 -21.34 33.24
N ALA A 182 -6.13 -21.55 34.52
CA ALA A 182 -6.82 -22.75 35.00
C ALA A 182 -8.23 -22.42 35.45
N GLU A 183 -8.84 -21.41 34.82
CA GLU A 183 -10.21 -21.02 35.14
C GLU A 183 -10.90 -20.64 33.83
N GLU A 184 -12.06 -21.25 33.59
CA GLU A 184 -12.68 -21.16 32.27
C GLU A 184 -13.16 -19.75 31.97
N THR A 185 -13.87 -19.12 32.90
CA THR A 185 -14.57 -17.85 32.63
C THR A 185 -13.61 -16.67 32.77
N CYS A 186 -12.60 -16.66 31.89
CA CYS A 186 -11.64 -15.56 31.81
C CYS A 186 -10.78 -15.71 30.57
N CYS A 187 -10.52 -14.61 29.87
CA CYS A 187 -9.73 -14.65 28.64
C CYS A 187 -8.77 -13.46 28.57
N ASP A 188 -8.09 -13.19 29.68
CA ASP A 188 -7.08 -12.13 29.67
C ASP A 188 -5.87 -12.58 28.85
N PHE A 189 -4.97 -11.64 28.57
CA PHE A 189 -3.84 -11.89 27.69
C PHE A 189 -2.56 -11.47 28.43
N PHE A 190 -2.02 -12.40 29.22
CA PHE A 190 -0.76 -12.19 29.92
C PHE A 190 0.29 -13.10 29.28
N THR A 191 1.38 -12.50 28.82
CA THR A 191 2.43 -13.22 28.10
C THR A 191 3.78 -12.92 28.73
N ASN A 192 4.73 -13.82 28.50
CA ASN A 192 6.07 -13.66 29.02
C ASN A 192 6.80 -12.51 28.32
N GLN A 193 7.88 -12.06 28.94
CA GLN A 193 8.70 -11.00 28.34
C GLN A 193 9.20 -11.42 26.96
N ALA A 194 9.76 -12.63 26.86
CA ALA A 194 10.32 -13.09 25.60
C ALA A 194 9.25 -13.21 24.52
N TYR A 195 8.10 -13.79 24.86
CA TYR A 195 7.04 -13.94 23.86
C TYR A 195 6.52 -12.59 23.40
N ALA A 196 6.28 -11.67 24.34
CA ALA A 196 5.76 -10.36 23.96
C ALA A 196 6.74 -9.61 23.07
N ILE A 197 8.02 -9.62 23.45
CA ILE A 197 9.03 -8.91 22.67
C ILE A 197 9.17 -9.52 21.28
N ALA A 198 9.24 -10.86 21.22
CA ALA A 198 9.39 -11.53 19.93
C ALA A 198 8.18 -11.31 19.04
N SER A 199 6.98 -11.36 19.61
CA SER A 199 5.77 -11.14 18.83
C SER A 199 5.70 -9.71 18.31
N SER A 200 6.10 -8.74 19.14
CA SER A 200 6.12 -7.35 18.69
C SER A 200 7.14 -7.16 17.58
N ILE A 201 8.31 -7.79 17.69
CA ILE A 201 9.35 -7.62 16.68
C ILE A 201 8.92 -8.27 15.37
N VAL A 202 8.38 -9.49 15.43
CA VAL A 202 8.00 -10.19 14.21
C VAL A 202 6.79 -9.52 13.56
N SER A 203 5.78 -9.20 14.35
CA SER A 203 4.52 -8.70 13.78
C SER A 203 4.64 -7.27 13.29
N PHE A 204 5.28 -6.39 14.05
CA PHE A 204 5.21 -4.96 13.78
C PHE A 204 6.56 -4.33 13.46
N TYR A 205 7.57 -4.52 14.31
CA TYR A 205 8.77 -3.69 14.23
C TYR A 205 9.62 -4.00 13.00
N VAL A 206 9.85 -5.27 12.70
CA VAL A 206 10.59 -5.63 11.49
C VAL A 206 9.81 -5.15 10.26
N PRO A 207 8.50 -5.41 10.16
CA PRO A 207 7.75 -4.80 9.05
C PRO A 207 7.77 -3.28 9.06
N LEU A 208 7.75 -2.66 10.24
CA LEU A 208 7.81 -1.20 10.30
C LEU A 208 9.09 -0.68 9.68
N VAL A 209 10.23 -1.23 10.10
CA VAL A 209 11.52 -0.78 9.56
C VAL A 209 11.58 -1.04 8.06
N ILE A 210 11.18 -2.25 7.63
CA ILE A 210 11.26 -2.60 6.22
C ILE A 210 10.44 -1.64 5.39
N MET A 211 9.18 -1.41 5.79
CA MET A 211 8.29 -0.58 5.00
C MET A 211 8.68 0.90 5.07
N VAL A 212 9.22 1.37 6.20
CA VAL A 212 9.68 2.75 6.27
C VAL A 212 10.81 2.98 5.28
N PHE A 213 11.84 2.12 5.30
CA PHE A 213 12.94 2.29 4.35
C PHE A 213 12.46 2.13 2.91
N VAL A 214 11.59 1.14 2.66
CA VAL A 214 11.09 0.89 1.31
C VAL A 214 10.34 2.11 0.78
N TYR A 215 9.40 2.63 1.57
CA TYR A 215 8.61 3.76 1.09
C TYR A 215 9.41 5.05 1.05
N SER A 216 10.42 5.21 1.91
CA SER A 216 11.30 6.37 1.77
C SER A 216 12.06 6.32 0.46
N ARG A 217 12.61 5.16 0.11
CA ARG A 217 13.31 5.03 -1.18
C ARG A 217 12.34 5.25 -2.35
N VAL A 218 11.13 4.71 -2.25
CA VAL A 218 10.14 4.89 -3.31
C VAL A 218 9.80 6.36 -3.48
N PHE A 219 9.71 7.09 -2.38
CA PHE A 219 9.37 8.51 -2.45
C PHE A 219 10.47 9.24 -3.24
N GLN A 220 11.72 8.98 -2.88
CA GLN A 220 12.81 9.74 -3.54
C GLN A 220 12.79 9.44 -5.04
N GLU A 221 12.67 8.17 -5.42
CA GLU A 221 12.75 7.85 -6.85
C GLU A 221 11.60 8.56 -7.55
N ALA A 222 10.42 8.59 -6.96
CA ALA A 222 9.29 9.21 -7.69
C ALA A 222 9.56 10.71 -7.86
N LYS A 223 10.05 11.32 -6.80
CA LYS A 223 10.37 12.76 -6.91
C LYS A 223 11.36 12.92 -8.06
N ARG A 224 12.42 12.13 -8.10
CA ARG A 224 13.46 12.31 -9.15
C ARG A 224 12.87 12.09 -10.54
N GLN A 225 11.99 11.10 -10.71
CA GLN A 225 11.38 10.95 -12.05
C GLN A 225 10.62 12.21 -12.40
N LEU A 226 9.67 12.61 -11.58
CA LEU A 226 8.91 13.80 -12.05
C LEU A 226 9.92 14.90 -12.33
N ALA A 227 10.99 14.99 -11.55
CA ALA A 227 11.91 16.14 -11.72
C ALA A 227 12.57 16.11 -13.08
N ASP A 228 13.19 14.99 -13.41
CA ASP A 228 13.85 14.92 -14.73
C ASP A 228 12.80 15.16 -15.82
N LEU A 229 11.60 14.60 -15.67
CA LEU A 229 10.66 14.80 -16.79
C LEU A 229 10.43 16.30 -16.93
N GLU A 230 10.13 17.00 -15.84
CA GLU A 230 9.79 18.43 -15.98
C GLU A 230 10.99 19.23 -16.48
N ASP A 231 12.21 18.84 -16.16
CA ASP A 231 13.36 19.56 -16.74
C ASP A 231 13.30 19.34 -18.24
N ASN A 232 13.44 18.10 -18.69
CA ASN A 232 13.47 17.84 -20.15
C ASN A 232 12.48 18.76 -20.87
N TRP A 233 11.24 18.88 -20.44
CA TRP A 233 10.18 19.59 -21.15
C TRP A 233 10.41 21.11 -21.13
N GLU A 234 11.08 21.62 -20.10
CA GLU A 234 11.46 23.03 -20.10
C GLU A 234 12.42 23.34 -21.25
N THR A 235 13.43 22.48 -21.44
CA THR A 235 14.35 22.74 -22.55
C THR A 235 13.70 22.48 -23.90
N LEU A 236 12.74 21.54 -23.97
CA LEU A 236 11.96 21.37 -25.19
C LEU A 236 11.22 22.65 -25.53
N ASN A 237 10.55 23.25 -24.54
CA ASN A 237 9.81 24.49 -24.77
C ASN A 237 10.73 25.63 -25.17
N ASP A 238 11.90 25.73 -24.52
CA ASP A 238 12.85 26.78 -24.88
C ASP A 238 13.35 26.62 -26.31
N ASN A 239 13.66 25.39 -26.71
CA ASN A 239 14.12 25.15 -28.08
C ASN A 239 13.01 25.45 -29.08
N LEU A 240 11.77 25.09 -28.76
CA LEU A 240 10.67 25.41 -29.66
C LEU A 240 10.49 26.92 -29.79
N LYS A 241 10.63 27.65 -28.69
CA LYS A 241 10.52 29.10 -28.74
C LYS A 241 11.63 29.71 -29.61
N VAL A 242 12.86 29.20 -29.48
CA VAL A 242 13.93 29.79 -30.27
C VAL A 242 13.79 29.41 -31.74
N ILE A 243 13.19 28.24 -32.04
CA ILE A 243 12.89 27.92 -33.44
C ILE A 243 11.81 28.86 -33.99
N GLU A 244 10.84 29.22 -33.16
CA GLU A 244 9.73 30.05 -33.62
C GLU A 244 10.21 31.36 -34.25
N LYS A 245 11.32 31.91 -33.76
CA LYS A 245 11.87 33.16 -34.29
C LYS A 245 13.27 32.98 -34.85
N ALA A 246 13.65 31.75 -35.20
CA ALA A 246 14.97 31.50 -35.76
C ALA A 246 15.11 32.13 -37.14
N ASP A 247 16.34 32.55 -37.46
CA ASP A 247 16.60 33.24 -38.73
C ASP A 247 17.08 32.27 -39.81
N ASN A 248 18.19 31.59 -39.57
CA ASN A 248 18.83 30.74 -40.56
C ASN A 248 18.58 29.26 -40.24
N ALA A 249 19.10 28.40 -41.10
CA ALA A 249 18.89 26.96 -40.95
C ALA A 249 19.76 26.36 -39.86
N ALA A 250 20.92 26.94 -39.58
CA ALA A 250 21.81 26.39 -38.56
C ALA A 250 21.17 26.46 -37.18
N GLN A 251 20.53 27.58 -36.85
CA GLN A 251 19.87 27.70 -35.55
C GLN A 251 18.74 26.68 -35.41
N VAL A 252 17.95 26.51 -36.46
CA VAL A 252 16.87 25.53 -36.41
C VAL A 252 17.43 24.13 -36.24
N LYS A 253 18.50 23.81 -36.97
CA LYS A 253 19.10 22.48 -36.88
C LYS A 253 19.62 22.21 -35.47
N ASP A 254 20.33 23.17 -34.89
CA ASP A 254 20.87 22.98 -33.55
C ASP A 254 19.77 22.85 -32.51
N ALA A 255 18.76 23.73 -32.57
CA ALA A 255 17.67 23.67 -31.61
C ALA A 255 16.89 22.36 -31.74
N LEU A 256 16.67 21.91 -32.98
CA LEU A 256 15.99 20.63 -33.17
C LEU A 256 16.83 19.46 -32.70
N THR A 257 18.15 19.55 -32.81
CA THR A 257 19.01 18.49 -32.29
C THR A 257 18.89 18.41 -30.77
N LYS A 258 18.93 19.56 -30.09
CA LYS A 258 18.73 19.55 -28.65
C LYS A 258 17.35 19.04 -28.27
N MET A 259 16.33 19.44 -29.03
CA MET A 259 14.98 18.95 -28.76
C MET A 259 14.89 17.44 -28.93
N ARG A 260 15.53 16.89 -29.98
CA ARG A 260 15.53 15.45 -30.18
C ARG A 260 16.23 14.73 -29.03
N ALA A 261 17.38 15.25 -28.61
CA ALA A 261 18.09 14.62 -27.50
C ALA A 261 17.26 14.63 -26.23
N ALA A 262 16.65 15.78 -25.91
CA ALA A 262 15.86 15.87 -24.68
C ALA A 262 14.60 15.01 -24.77
N ALA A 263 13.97 14.94 -25.94
CA ALA A 263 12.79 14.10 -26.10
C ALA A 263 13.14 12.62 -25.94
N LEU A 264 14.27 12.19 -26.50
CA LEU A 264 14.70 10.81 -26.32
C LEU A 264 15.01 10.53 -24.85
N ASP A 265 15.66 11.48 -24.17
CA ASP A 265 15.94 11.30 -22.75
C ASP A 265 14.66 11.18 -21.93
N ALA A 266 13.67 12.00 -22.25
CA ALA A 266 12.39 11.92 -21.54
C ALA A 266 11.67 10.61 -21.83
N GLN A 267 11.76 10.13 -23.08
CA GLN A 267 11.15 8.85 -23.43
C GLN A 267 11.80 7.71 -22.67
N LYS A 268 13.13 7.74 -22.53
CA LYS A 268 13.82 6.68 -21.79
C LYS A 268 13.38 6.65 -20.33
N ALA A 269 13.24 7.81 -19.71
CA ALA A 269 12.79 7.89 -18.33
C ALA A 269 11.33 7.48 -18.20
N SER A 274 2.00 -0.83 -17.18
CA SER A 274 0.71 -0.16 -17.11
C SER A 274 0.38 0.52 -18.44
N PRO A 275 -0.89 0.49 -18.83
CA PRO A 275 -1.29 1.16 -20.09
C PRO A 275 -1.01 2.65 -20.09
N GLU A 276 -0.99 3.31 -18.94
CA GLU A 276 -0.66 4.72 -18.90
C GLU A 276 0.77 4.96 -19.38
N MET A 277 1.71 4.13 -18.93
CA MET A 277 3.08 4.23 -19.42
C MET A 277 3.19 3.89 -20.89
N LYS A 278 2.36 2.95 -21.37
CA LYS A 278 2.35 2.63 -22.79
C LYS A 278 1.91 3.83 -23.62
N ASP A 279 0.85 4.52 -23.18
CA ASP A 279 0.41 5.72 -23.89
C ASP A 279 1.46 6.82 -23.80
N PHE A 280 2.11 6.95 -22.65
CA PHE A 280 3.18 7.92 -22.47
C PHE A 280 4.30 7.70 -23.48
N ARG A 281 4.75 6.45 -23.59
CA ARG A 281 5.81 6.11 -24.54
C ARG A 281 5.35 6.28 -25.97
N HIS A 282 4.09 5.95 -26.28
CA HIS A 282 3.59 6.14 -27.64
C HIS A 282 3.56 7.61 -28.02
N GLY A 283 3.12 8.47 -27.10
CA GLY A 283 3.14 9.89 -27.36
C GLY A 283 4.54 10.41 -27.59
N PHE A 284 5.50 9.94 -26.80
CA PHE A 284 6.88 10.36 -27.03
C PHE A 284 7.44 9.78 -28.33
N ASP A 285 6.97 8.61 -28.76
CA ASP A 285 7.38 8.10 -30.06
C ASP A 285 6.88 9.00 -31.18
N ILE A 286 5.62 9.45 -31.09
CA ILE A 286 5.09 10.37 -32.08
C ILE A 286 5.87 11.67 -32.07
N LEU A 287 6.16 12.20 -30.88
CA LEU A 287 6.91 13.45 -30.78
C LEU A 287 8.32 13.30 -31.37
N VAL A 288 8.99 12.19 -31.09
CA VAL A 288 10.32 11.96 -31.64
C VAL A 288 10.27 11.84 -33.16
N GLY A 289 9.24 11.18 -33.68
CA GLY A 289 9.10 11.09 -35.13
C GLY A 289 8.92 12.45 -35.78
N GLN A 290 8.07 13.28 -35.20
CA GLN A 290 7.86 14.63 -35.74
C GLN A 290 9.13 15.45 -35.65
N ILE A 291 9.87 15.32 -34.54
CA ILE A 291 11.12 16.05 -34.38
C ILE A 291 12.13 15.59 -35.43
N ASP A 292 12.16 14.29 -35.71
CA ASP A 292 13.07 13.77 -36.73
C ASP A 292 12.72 14.31 -38.11
N ASP A 293 11.42 14.38 -38.42
CA ASP A 293 11.02 14.96 -39.71
C ASP A 293 11.44 16.42 -39.81
N ALA A 294 11.22 17.18 -38.73
CA ALA A 294 11.62 18.59 -38.72
C ALA A 294 13.12 18.75 -38.89
N LEU A 295 13.89 17.91 -38.18
CA LEU A 295 15.35 17.99 -38.27
C LEU A 295 15.83 17.62 -39.66
N LYS A 296 15.22 16.61 -40.30
CA LYS A 296 15.61 16.26 -41.66
C LYS A 296 15.29 17.39 -42.62
N LEU A 297 14.12 18.02 -42.48
CA LEU A 297 13.78 19.15 -43.34
C LEU A 297 14.75 20.30 -43.15
N ALA A 298 15.14 20.58 -41.89
CA ALA A 298 16.13 21.63 -41.64
C ALA A 298 17.49 21.27 -42.23
N ASN A 299 17.88 20.01 -42.14
CA ASN A 299 19.16 19.58 -42.69
C ASN A 299 19.18 19.74 -44.21
N GLU A 300 18.06 19.41 -44.87
CA GLU A 300 18.01 19.52 -46.32
C GLU A 300 18.11 20.97 -46.79
N GLY A 301 17.94 21.94 -45.89
CA GLY A 301 18.08 23.34 -46.22
C GLY A 301 16.79 24.12 -46.31
N LYS A 302 15.65 23.52 -45.98
CA LYS A 302 14.35 24.19 -46.06
C LYS A 302 13.98 24.68 -44.67
N VAL A 303 14.28 25.95 -44.38
CA VAL A 303 14.01 26.51 -43.06
C VAL A 303 12.51 26.68 -42.84
N LYS A 304 11.77 27.09 -43.87
CA LYS A 304 10.33 27.35 -43.72
C LYS A 304 9.58 26.07 -43.41
N GLU A 305 9.92 24.97 -44.09
CA GLU A 305 9.29 23.69 -43.78
C GLU A 305 9.66 23.20 -42.40
N ALA A 306 10.91 23.48 -41.96
CA ALA A 306 11.29 23.16 -40.60
C ALA A 306 10.46 23.93 -39.59
N GLN A 307 10.18 25.20 -39.87
CA GLN A 307 9.34 25.99 -38.96
C GLN A 307 7.89 25.50 -38.97
N ALA A 308 7.39 25.04 -40.12
CA ALA A 308 6.06 24.46 -40.15
C ALA A 308 5.99 23.19 -39.31
N ALA A 309 7.00 22.32 -39.43
CA ALA A 309 7.04 21.13 -38.60
C ALA A 309 7.21 21.49 -37.12
N ALA A 310 7.90 22.60 -36.83
CA ALA A 310 7.98 23.07 -35.46
C ALA A 310 6.62 23.56 -34.95
N GLU A 311 5.81 24.16 -35.82
CA GLU A 311 4.45 24.50 -35.44
C GLU A 311 3.65 23.24 -35.11
N GLN A 312 3.84 22.19 -35.90
CA GLN A 312 3.22 20.90 -35.57
C GLN A 312 3.71 20.38 -34.22
N LEU A 313 5.00 20.57 -33.93
CA LEU A 313 5.54 20.19 -32.62
C LEU A 313 4.89 20.99 -31.51
N LYS A 314 4.62 22.27 -31.75
CA LYS A 314 3.89 23.08 -30.78
C LYS A 314 2.50 22.53 -30.53
N THR A 315 1.82 22.11 -31.60
CA THR A 315 0.53 21.45 -31.43
C THR A 315 0.65 20.20 -30.57
N THR A 316 1.69 19.40 -30.82
CA THR A 316 1.87 18.17 -30.04
C THR A 316 2.13 18.47 -28.56
N ARG A 317 2.98 19.46 -28.27
CA ARG A 317 3.27 19.76 -26.87
C ARG A 317 2.07 20.36 -26.17
N ASN A 318 1.26 21.14 -26.89
CA ASN A 318 0.00 21.60 -26.33
C ASN A 318 -0.92 20.42 -26.04
N ALA A 319 -0.92 19.42 -26.92
CA ALA A 319 -1.69 18.22 -26.67
C ALA A 319 -1.16 17.44 -25.47
N TYR A 320 0.13 17.61 -25.17
CA TYR A 320 0.71 16.93 -24.02
C TYR A 320 0.07 17.40 -22.72
N ILE A 321 0.12 18.71 -22.45
CA ILE A 321 -0.29 19.16 -21.12
C ILE A 321 -1.81 19.35 -21.11
N GLN A 322 -2.34 18.16 -20.92
CA GLN A 322 -3.76 17.96 -20.66
C GLN A 322 -3.53 16.60 -19.97
N LYS A 323 -2.77 15.74 -20.65
CA LYS A 323 -2.47 14.39 -20.09
C LYS A 323 -1.58 14.50 -18.88
N TYR A 324 -0.52 15.30 -18.93
CA TYR A 324 0.42 15.43 -17.79
C TYR A 324 -0.27 16.22 -16.71
N LEU A 325 -1.19 17.12 -17.03
CA LEU A 325 -1.88 17.75 -15.88
C LEU A 325 -2.55 16.58 -15.16
N LYS A 326 -3.30 15.76 -15.89
CA LYS A 326 -3.91 14.59 -15.20
C LYS A 326 -2.88 13.72 -14.47
N PHE A 327 -1.79 13.34 -15.13
CA PHE A 327 -0.81 12.38 -14.52
C PHE A 327 0.01 13.03 -13.40
N CYS A 328 0.38 14.30 -13.51
CA CYS A 328 1.08 14.93 -12.36
C CYS A 328 0.08 14.94 -11.21
N LEU A 329 -1.19 15.19 -11.52
CA LEU A 329 -2.22 15.14 -10.45
C LEU A 329 -2.19 13.74 -9.81
N LYS A 330 -2.26 12.67 -10.60
CA LYS A 330 -2.30 11.29 -10.02
C LYS A 330 -1.02 11.03 -9.20
N GLU A 331 0.10 11.57 -9.65
CA GLU A 331 1.37 11.29 -8.94
C GLU A 331 1.31 12.01 -7.60
N HIS A 332 0.94 13.27 -7.57
CA HIS A 332 0.96 13.90 -6.22
C HIS A 332 -0.14 13.23 -5.40
N LYS A 333 -1.15 12.64 -6.05
CA LYS A 333 -2.21 11.90 -5.30
C LYS A 333 -1.60 10.69 -4.58
N ALA A 334 -0.80 9.86 -5.27
CA ALA A 334 -0.12 8.74 -4.56
C ALA A 334 1.07 9.22 -3.69
N LEU A 335 1.50 10.48 -3.84
CA LEU A 335 2.53 10.98 -2.90
C LEU A 335 1.78 11.26 -1.61
N LYS A 336 0.57 11.81 -1.71
CA LYS A 336 -0.22 11.93 -0.48
C LYS A 336 -0.33 10.50 -0.02
N THR A 337 -0.55 9.58 -0.96
CA THR A 337 -0.58 8.14 -0.60
C THR A 337 0.53 7.84 0.42
N LEU A 338 1.79 7.86 0.02
CA LEU A 338 2.76 7.62 1.12
C LEU A 338 2.16 8.18 2.41
N GLY A 339 1.72 9.44 2.48
CA GLY A 339 1.27 9.99 3.74
C GLY A 339 0.09 9.24 4.31
N ILE A 340 -0.90 8.93 3.48
CA ILE A 340 -2.10 8.29 4.01
C ILE A 340 -1.80 6.88 4.50
N ILE A 341 -1.03 6.10 3.74
CA ILE A 341 -0.70 4.74 4.16
C ILE A 341 0.11 4.77 5.45
N MET A 342 1.19 5.54 5.47
CA MET A 342 2.07 5.55 6.64
C MET A 342 1.32 6.06 7.87
N GLY A 343 0.60 7.17 7.73
CA GLY A 343 -0.11 7.73 8.86
C GLY A 343 -1.18 6.81 9.39
N THR A 344 -1.99 6.22 8.50
CA THR A 344 -3.04 5.32 8.96
C THR A 344 -2.45 4.11 9.67
N PHE A 345 -1.48 3.44 9.03
CA PHE A 345 -0.94 2.22 9.63
C PHE A 345 -0.26 2.53 10.96
N THR A 346 0.53 3.60 11.03
CA THR A 346 1.22 3.94 12.26
C THR A 346 0.25 4.33 13.36
N LEU A 347 -0.66 5.27 13.06
CA LEU A 347 -1.61 5.71 14.08
C LEU A 347 -2.53 4.58 14.52
N CYS A 348 -2.70 3.55 13.70
CA CYS A 348 -3.52 2.42 14.10
C CYS A 348 -2.75 1.39 14.94
N TRP A 349 -1.49 1.12 14.62
CA TRP A 349 -0.81 -0.01 15.25
C TRP A 349 0.33 0.36 16.19
N LEU A 350 1.04 1.46 15.94
CA LEU A 350 2.17 1.82 16.78
C LEU A 350 1.80 2.02 18.25
N PRO A 351 0.72 2.73 18.61
CA PRO A 351 0.40 2.86 20.05
C PRO A 351 0.24 1.52 20.73
N PHE A 352 -0.41 0.55 20.08
CA PHE A 352 -0.59 -0.75 20.70
C PHE A 352 0.75 -1.47 20.89
N PHE A 353 1.64 -1.40 19.91
CA PHE A 353 2.88 -2.13 20.03
C PHE A 353 3.91 -1.40 20.87
N ILE A 354 3.66 -0.14 21.22
CA ILE A 354 4.47 0.51 22.25
C ILE A 354 3.94 0.17 23.64
N VAL A 355 2.62 0.24 23.82
CA VAL A 355 2.05 -0.09 25.12
C VAL A 355 2.25 -1.56 25.44
N ASN A 356 2.32 -2.42 24.44
CA ASN A 356 2.55 -3.84 24.68
C ASN A 356 3.90 -4.07 25.35
N ILE A 357 4.95 -3.42 24.85
CA ILE A 357 6.27 -3.57 25.45
C ILE A 357 6.33 -2.87 26.81
N VAL A 358 5.76 -1.67 26.92
CA VAL A 358 5.90 -0.93 28.17
C VAL A 358 4.92 -1.50 29.20
N HIS A 359 4.14 -2.51 28.80
CA HIS A 359 3.27 -3.22 29.73
C HIS A 359 3.92 -4.47 30.31
N VAL A 360 4.73 -5.18 29.54
CA VAL A 360 5.37 -6.38 30.07
C VAL A 360 6.56 -6.02 30.97
N ILE A 361 7.20 -4.88 30.75
CA ILE A 361 8.18 -4.33 31.67
C ILE A 361 7.54 -3.17 32.40
N GLN A 362 7.73 -3.10 33.71
CA GLN A 362 7.05 -2.13 34.56
C GLN A 362 5.54 -2.20 34.37
N ASP A 363 4.98 -3.36 34.74
CA ASP A 363 3.59 -3.68 34.44
C ASP A 363 2.60 -2.75 35.10
N ASN A 364 2.97 -2.08 36.19
CA ASN A 364 2.03 -1.24 36.91
C ASN A 364 1.88 0.16 36.34
N LEU A 365 2.61 0.49 35.26
CA LEU A 365 2.41 1.76 34.56
C LEU A 365 1.33 1.70 33.50
N ILE A 366 0.72 0.54 33.25
CA ILE A 366 -0.21 0.36 32.14
C ILE A 366 -1.55 -0.10 32.69
N ARG A 367 -2.62 0.53 32.21
CA ARG A 367 -3.99 0.21 32.62
C ARG A 367 -4.64 -0.68 31.57
N LYS A 368 -5.57 -1.53 32.02
CA LYS A 368 -6.12 -2.56 31.14
C LYS A 368 -7.05 -1.98 30.09
N GLU A 369 -7.91 -1.03 30.47
CA GLU A 369 -8.86 -0.47 29.51
C GLU A 369 -8.16 0.28 28.39
N VAL A 370 -7.09 1.03 28.68
CA VAL A 370 -6.36 1.68 27.62
C VAL A 370 -5.66 0.65 26.73
N TYR A 371 -5.23 -0.48 27.29
CA TYR A 371 -4.69 -1.56 26.47
C TYR A 371 -5.72 -2.08 25.48
N ILE A 372 -6.94 -2.33 25.96
CA ILE A 372 -7.99 -2.83 25.07
C ILE A 372 -8.34 -1.77 24.02
N LEU A 373 -8.39 -0.51 24.42
CA LEU A 373 -8.71 0.56 23.48
C LEU A 373 -7.65 0.65 22.38
N LEU A 374 -6.37 0.60 22.76
CA LEU A 374 -5.31 0.67 21.76
C LEU A 374 -5.29 -0.57 20.88
N ASN A 375 -5.70 -1.72 21.41
CA ASN A 375 -5.80 -2.91 20.57
C ASN A 375 -6.94 -2.76 19.56
N TRP A 376 -8.05 -2.18 19.98
CA TRP A 376 -9.17 -2.00 19.05
C TRP A 376 -8.88 -0.92 18.01
N ILE A 377 -8.05 0.07 18.34
CA ILE A 377 -7.60 1.01 17.32
C ILE A 377 -6.78 0.28 16.26
N GLY A 378 -6.04 -0.75 16.66
CA GLY A 378 -5.39 -1.60 15.68
C GLY A 378 -6.40 -2.44 14.89
N TYR A 379 -7.43 -2.92 15.57
CA TYR A 379 -8.46 -3.72 14.90
C TYR A 379 -9.13 -2.94 13.78
N VAL A 380 -9.48 -1.67 14.05
CA VAL A 380 -10.30 -0.92 13.11
C VAL A 380 -9.56 -0.62 11.81
N ASN A 381 -8.24 -0.85 11.76
CA ASN A 381 -7.50 -0.69 10.51
C ASN A 381 -7.96 -1.68 9.45
N SER A 382 -8.66 -2.74 9.84
CA SER A 382 -9.17 -3.71 8.88
C SER A 382 -10.12 -3.07 7.88
N GLY A 383 -11.06 -2.25 8.38
CA GLY A 383 -11.97 -1.55 7.49
C GLY A 383 -11.34 -0.40 6.74
N PHE A 384 -10.23 0.14 7.24
CA PHE A 384 -9.54 1.23 6.55
C PHE A 384 -8.72 0.72 5.38
N ASN A 385 -8.12 -0.46 5.50
CA ASN A 385 -7.27 -0.98 4.43
C ASN A 385 -7.92 -1.04 3.05
N PRO A 386 -9.16 -1.52 2.88
CA PRO A 386 -9.77 -1.46 1.54
C PRO A 386 -9.95 -0.05 1.02
N LEU A 387 -10.20 0.92 1.90
CA LEU A 387 -10.36 2.31 1.50
C LEU A 387 -9.03 3.02 1.29
N ILE A 388 -7.91 2.29 1.38
CA ILE A 388 -6.59 2.88 1.16
C ILE A 388 -5.92 2.16 -0.02
N TYR A 389 -6.24 0.89 -0.22
CA TYR A 389 -5.61 0.10 -1.26
C TYR A 389 -6.49 -0.16 -2.47
N SER A 390 -7.72 0.35 -2.49
CA SER A 390 -8.60 0.21 -3.64
C SER A 390 -8.87 1.53 -4.34
N ARG A 391 -8.07 2.56 -4.08
CA ARG A 391 -8.27 3.87 -4.70
C ARG A 391 -7.55 3.97 -6.04
N SER A 392 -7.81 3.00 -6.92
CA SER A 392 -7.27 3.01 -8.26
C SER A 392 -8.40 3.12 -9.28
N PRO A 393 -8.14 3.72 -10.44
CA PRO A 393 -9.23 3.85 -11.44
C PRO A 393 -9.82 2.52 -11.87
N ASP A 394 -8.98 1.49 -12.01
CA ASP A 394 -9.48 0.17 -12.36
C ASP A 394 -10.38 -0.38 -11.25
N PHE A 395 -9.93 -0.29 -10.00
CA PHE A 395 -10.76 -0.73 -8.89
C PHE A 395 -12.03 0.10 -8.78
N ARG A 396 -11.93 1.42 -9.01
CA ARG A 396 -13.11 2.27 -8.92
C ARG A 396 -14.15 1.89 -9.98
N ILE A 397 -13.72 1.65 -11.22
CA ILE A 397 -14.69 1.29 -12.26
C ILE A 397 -15.21 -0.12 -12.04
N ALA A 398 -14.39 -1.01 -11.47
CA ALA A 398 -14.87 -2.37 -11.20
C ALA A 398 -15.87 -2.41 -10.06
N PHE A 399 -15.72 -1.52 -9.07
CA PHE A 399 -16.60 -1.54 -7.91
C PHE A 399 -18.02 -1.08 -8.25
N GLN A 400 -18.19 -0.35 -9.34
CA GLN A 400 -19.48 0.26 -9.62
C GLN A 400 -20.55 -0.78 -9.95
N GLU A 401 -20.20 -1.79 -10.76
CA GLU A 401 -21.21 -2.72 -11.23
C GLU A 401 -21.73 -3.61 -10.10
N LEU A 402 -20.87 -3.97 -9.14
CA LEU A 402 -21.36 -4.66 -7.94
C LEU A 402 -22.20 -3.74 -7.07
N LEU A 403 -21.68 -2.55 -6.79
CA LEU A 403 -22.35 -1.59 -5.90
C LEU A 403 -22.58 -2.18 -4.51
#